data_9OS6
#
_entry.id   9OS6
#
_cell.length_a   143.940
_cell.length_b   143.940
_cell.length_c   143.940
_cell.angle_alpha   90.000
_cell.angle_beta   90.000
_cell.angle_gamma   90.000
#
_symmetry.space_group_name_H-M   'I 2 3'
#
loop_
_entity.id
_entity.type
_entity.pdbx_description
1 polymer 'Epidermal growth factor receptor'
2 non-polymer Canertinib
3 water water
#
_entity_poly.entity_id   1
_entity_poly.type   'polypeptide(L)'
_entity_poly.pdbx_seq_one_letter_code
;GEAPNQALLRILKETEFKKIKVLGSGAFGTVYKGLWIPEGEKVKIPVAIKELREATSPKANKEILDEAYVMASVDNPHVC
RLLGICLTSTVQLITQLMPFGCLLDYVREHKDNIGSQYLLNWCVQIAKGMNYLEDRRLVHRDLAARNVLVKTPQHVKITD
FGLAKLLGAEEKEYHAEGGKVPIKWMALESILHRIYTHQSDVWSYGVTVWELMTFGSKPYDGIPASEISSILEKGERLPQ
PPICTIDVYMIMVKCWMIDADSRPKFRELIIEFSKMARDPQRYLVIQGDERMHLPSPTDSNFYRALMDEEDMDDVVDADE
YLIPQQG
;
_entity_poly.pdbx_strand_id   A
#
loop_
_chem_comp.id
_chem_comp.type
_chem_comp.name
_chem_comp.formula
A1CEA non-polymer Canertinib 'C24 H25 Cl F N5 O3'
#
# COMPACT_ATOMS: atom_id res chain seq x y z
N GLU A 2 -6.95 -20.43 12.64
CA GLU A 2 -7.29 -21.88 12.52
C GLU A 2 -8.27 -22.07 11.36
N ALA A 3 -8.51 -21.03 10.57
CA ALA A 3 -9.36 -21.15 9.38
C ALA A 3 -8.51 -21.60 8.19
N PRO A 4 -8.94 -22.64 7.44
CA PRO A 4 -8.20 -23.13 6.26
C PRO A 4 -8.10 -22.07 5.17
N ASN A 5 -6.88 -21.69 4.79
CA ASN A 5 -6.70 -20.74 3.65
C ASN A 5 -7.01 -21.50 2.37
N GLN A 6 -8.29 -21.53 2.01
CA GLN A 6 -8.70 -22.26 0.79
C GLN A 6 -8.55 -21.39 -0.46
N ALA A 7 -7.54 -20.53 -0.47
CA ALA A 7 -7.28 -19.68 -1.64
C ALA A 7 -6.74 -20.51 -2.79
N LEU A 8 -6.77 -19.95 -4.00
CA LEU A 8 -6.32 -20.70 -5.20
C LEU A 8 -5.05 -20.07 -5.78
N LEU A 9 -4.09 -20.90 -6.16
CA LEU A 9 -2.85 -20.40 -6.82
C LEU A 9 -2.91 -20.87 -8.28
N ARG A 10 -3.21 -19.95 -9.19
CA ARG A 10 -3.29 -20.30 -10.60
C ARG A 10 -1.89 -20.29 -11.22
N ILE A 11 -1.52 -21.41 -11.84
CA ILE A 11 -0.28 -21.51 -12.59
C ILE A 11 -0.58 -21.16 -14.04
N LEU A 12 0.17 -20.20 -14.58
CA LEU A 12 -0.14 -19.60 -15.87
C LEU A 12 0.94 -19.95 -16.90
N LYS A 13 0.53 -20.48 -18.04
CA LYS A 13 1.46 -20.72 -19.13
C LYS A 13 2.04 -19.40 -19.63
N GLU A 14 3.33 -19.41 -19.97
CA GLU A 14 3.98 -18.20 -20.47
C GLU A 14 3.45 -17.79 -21.84
N THR A 15 2.83 -18.71 -22.56
CA THR A 15 2.20 -18.36 -23.84
C THR A 15 0.87 -17.63 -23.64
N GLU A 16 0.37 -17.56 -22.41
CA GLU A 16 -0.92 -16.91 -22.17
C GLU A 16 -0.80 -15.39 -22.18
N PHE A 17 0.33 -14.84 -21.75
CA PHE A 17 0.50 -13.40 -21.66
C PHE A 17 1.58 -12.91 -22.63
N LYS A 18 1.43 -11.66 -23.06
CA LYS A 18 2.32 -11.03 -24.04
C LYS A 18 2.86 -9.75 -23.43
N LYS A 19 4.14 -9.76 -23.08
CA LYS A 19 4.76 -8.56 -22.54
C LYS A 19 4.82 -7.47 -23.60
N ILE A 20 4.94 -6.22 -23.15
CA ILE A 20 4.86 -5.07 -24.05
C ILE A 20 6.02 -4.13 -23.80
N LYS A 21 6.15 -3.65 -22.56
CA LYS A 21 7.18 -2.69 -22.19
C LYS A 21 7.68 -3.01 -20.79
N VAL A 22 8.69 -2.26 -20.36
CA VAL A 22 9.30 -2.44 -19.04
C VAL A 22 8.88 -1.29 -18.14
N LEU A 23 8.72 -1.60 -16.85
CA LEU A 23 8.28 -0.62 -15.86
C LEU A 23 9.37 -0.26 -14.85
N GLY A 24 10.06 -1.28 -14.33
CA GLY A 24 11.07 -1.02 -13.30
C GLY A 24 12.13 -2.10 -13.34
N SER A 25 13.30 -1.81 -12.79
CA SER A 25 14.41 -2.79 -12.81
C SER A 25 15.18 -2.75 -11.49
N GLY A 29 15.72 -8.26 -9.94
CA GLY A 29 14.35 -8.40 -10.47
C GLY A 29 13.90 -7.20 -11.30
N THR A 30 12.93 -7.40 -12.19
CA THR A 30 12.43 -6.32 -13.06
C THR A 30 10.93 -6.45 -13.21
N VAL A 31 10.21 -5.33 -13.10
CA VAL A 31 8.71 -5.35 -13.24
C VAL A 31 8.37 -5.02 -14.69
N TYR A 32 7.42 -5.74 -15.28
CA TYR A 32 7.07 -5.53 -16.70
C TYR A 32 5.61 -5.28 -16.81
N LYS A 33 5.16 -4.92 -18.01
CA LYS A 33 3.73 -4.76 -18.24
C LYS A 33 3.34 -5.54 -19.48
N GLY A 34 2.11 -6.02 -19.49
CA GLY A 34 1.65 -6.80 -20.63
C GLY A 34 0.18 -7.10 -20.51
N LEU A 35 -0.27 -8.02 -21.36
CA LEU A 35 -1.67 -8.43 -21.43
C LEU A 35 -1.74 -9.94 -21.24
N TRP A 36 -2.57 -10.39 -20.31
CA TRP A 36 -2.77 -11.81 -20.04
C TRP A 36 -4.05 -12.27 -20.71
N ILE A 37 -3.94 -13.25 -21.58
CA ILE A 37 -5.07 -13.77 -22.35
C ILE A 37 -5.29 -15.23 -21.97
N PRO A 38 -6.15 -15.52 -20.98
CA PRO A 38 -6.33 -16.87 -20.44
C PRO A 38 -6.86 -17.86 -21.47
N GLY A 40 -7.75 -20.34 -23.36
CA GLY A 40 -8.86 -19.89 -24.18
C GLY A 40 -9.99 -19.27 -23.38
N GLU A 41 -10.09 -17.93 -23.42
CA GLU A 41 -11.08 -17.22 -22.64
C GLU A 41 -11.75 -16.05 -23.36
N LYS A 42 -11.25 -15.65 -24.54
CA LYS A 42 -11.84 -14.54 -25.30
C LYS A 42 -11.84 -13.24 -24.48
N VAL A 43 -10.72 -12.97 -23.79
CA VAL A 43 -10.60 -11.79 -22.96
C VAL A 43 -9.13 -11.43 -22.80
N LYS A 44 -8.87 -10.13 -22.72
CA LYS A 44 -7.54 -9.58 -22.48
C LYS A 44 -7.53 -8.84 -21.16
N ILE A 45 -6.47 -9.02 -20.38
CA ILE A 45 -6.38 -8.47 -19.03
C ILE A 45 -5.06 -7.73 -18.88
N PRO A 46 -5.06 -6.41 -18.66
CA PRO A 46 -3.80 -5.71 -18.42
C PRO A 46 -3.18 -6.16 -17.10
N VAL A 47 -1.91 -6.57 -17.16
CA VAL A 47 -1.22 -7.15 -16.02
C VAL A 47 0.13 -6.46 -15.83
N ALA A 48 0.72 -6.71 -14.65
CA ALA A 48 2.10 -6.35 -14.36
C ALA A 48 2.85 -7.63 -14.01
N ILE A 49 3.84 -7.98 -14.83
CA ILE A 49 4.56 -9.24 -14.69
C ILE A 49 5.88 -8.92 -14.02
N LYS A 50 5.90 -9.02 -12.69
CA LYS A 50 7.12 -8.82 -11.93
C LYS A 50 8.09 -9.98 -12.13
N ALA A 55 17.67 -15.24 -10.13
CA ALA A 55 17.32 -16.20 -11.19
C ALA A 55 17.52 -17.62 -10.69
N THR A 56 18.55 -17.82 -9.86
CA THR A 56 18.87 -19.17 -9.35
C THR A 56 18.96 -19.13 -7.85
N SER A 57 18.84 -17.94 -7.25
CA SER A 57 19.01 -17.83 -5.80
C SER A 57 17.87 -18.52 -5.07
N PRO A 58 18.13 -19.55 -4.26
CA PRO A 58 17.02 -20.22 -3.56
C PRO A 58 16.26 -19.32 -2.60
N LYS A 59 16.93 -18.34 -1.99
CA LYS A 59 16.22 -17.41 -1.11
C LYS A 59 15.43 -16.37 -1.89
N ALA A 60 15.87 -16.04 -3.10
CA ALA A 60 15.10 -15.12 -3.94
C ALA A 60 13.77 -15.73 -4.36
N ASN A 61 13.77 -17.04 -4.63
CA ASN A 61 12.52 -17.74 -4.94
C ASN A 61 11.71 -17.97 -3.66
N LYS A 62 12.37 -18.23 -2.54
CA LYS A 62 11.64 -18.51 -1.30
C LYS A 62 10.90 -17.27 -0.80
N GLU A 63 11.41 -16.08 -1.09
CA GLU A 63 10.76 -14.82 -0.72
C GLU A 63 9.72 -14.39 -1.74
N ILE A 64 10.01 -14.58 -3.03
CA ILE A 64 9.05 -14.23 -4.09
C ILE A 64 7.79 -15.06 -3.95
N LEU A 65 7.93 -16.36 -3.68
CA LEU A 65 6.77 -17.23 -3.53
C LEU A 65 6.01 -16.92 -2.24
N ASP A 66 6.70 -16.38 -1.23
CA ASP A 66 5.99 -15.94 -0.03
C ASP A 66 5.09 -14.75 -0.32
N GLU A 67 5.55 -13.83 -1.17
CA GLU A 67 4.68 -12.74 -1.60
C GLU A 67 3.46 -13.27 -2.34
N ALA A 68 3.67 -14.17 -3.29
CA ALA A 68 2.57 -14.76 -4.04
C ALA A 68 1.59 -15.47 -3.11
N TYR A 69 2.09 -16.06 -2.02
CA TYR A 69 1.20 -16.68 -1.05
C TYR A 69 0.25 -15.66 -0.43
N VAL A 70 0.78 -14.49 -0.05
CA VAL A 70 -0.04 -13.49 0.62
C VAL A 70 -1.02 -12.84 -0.35
N MET A 71 -0.54 -12.48 -1.54
CA MET A 71 -1.40 -11.82 -2.52
C MET A 71 -2.54 -12.73 -2.95
N ALA A 72 -2.28 -14.03 -3.08
CA ALA A 72 -3.32 -14.96 -3.48
C ALA A 72 -4.36 -15.16 -2.39
N SER A 73 -4.02 -14.87 -1.13
CA SER A 73 -4.91 -15.12 -0.02
C SER A 73 -5.75 -13.91 0.38
N VAL A 74 -5.59 -12.79 -0.31
CA VAL A 74 -6.35 -11.58 -0.01
C VAL A 74 -7.28 -11.29 -1.19
N ASP A 75 -8.45 -10.73 -0.87
CA ASP A 75 -9.42 -10.31 -1.89
C ASP A 75 -10.18 -9.13 -1.32
N ASN A 76 -9.86 -7.93 -1.81
CA ASN A 76 -10.50 -6.72 -1.30
C ASN A 76 -10.35 -5.64 -2.36
N PRO A 77 -11.33 -4.74 -2.49
CA PRO A 77 -11.21 -3.65 -3.47
C PRO A 77 -10.00 -2.76 -3.26
N HIS A 78 -9.37 -2.78 -2.08
CA HIS A 78 -8.27 -1.88 -1.80
C HIS A 78 -7.00 -2.65 -1.44
N VAL A 79 -6.88 -3.87 -1.94
CA VAL A 79 -5.67 -4.68 -1.80
C VAL A 79 -5.36 -5.30 -3.16
N CYS A 80 -4.13 -5.10 -3.63
CA CYS A 80 -3.71 -5.70 -4.89
C CYS A 80 -3.72 -7.23 -4.77
N ARG A 81 -4.35 -7.90 -5.73
CA ARG A 81 -4.45 -9.38 -5.66
C ARG A 81 -3.61 -10.03 -6.79
N LEU A 82 -3.12 -11.22 -6.53
CA LEU A 82 -2.32 -11.96 -7.54
C LEU A 82 -3.25 -12.60 -8.55
N LEU A 83 -2.91 -12.53 -9.83
CA LEU A 83 -3.70 -13.24 -10.85
C LEU A 83 -3.07 -14.63 -11.02
N GLY A 84 -1.77 -14.74 -10.77
CA GLY A 84 -1.15 -16.04 -10.86
C GLY A 84 0.36 -15.90 -10.86
N ILE A 85 1.03 -17.04 -11.01
CA ILE A 85 2.48 -17.09 -11.11
C ILE A 85 2.86 -17.94 -12.31
N CYS A 86 4.04 -17.69 -12.84
CA CYS A 86 4.56 -18.41 -14.00
C CYS A 86 5.88 -19.07 -13.62
N LEU A 87 5.94 -20.39 -13.76
CA LEU A 87 7.12 -21.17 -13.40
C LEU A 87 7.85 -21.58 -14.67
N THR A 88 8.68 -20.68 -15.17
CA THR A 88 9.56 -20.92 -16.30
C THR A 88 11.01 -20.97 -15.79
N SER A 89 11.96 -20.50 -16.60
CA SER A 89 13.33 -20.39 -16.14
C SER A 89 13.44 -19.47 -14.93
N THR A 90 12.54 -18.48 -14.82
CA THR A 90 12.46 -17.62 -13.67
C THR A 90 11.01 -17.56 -13.20
N VAL A 91 10.82 -17.27 -11.91
CA VAL A 91 9.50 -17.23 -11.31
C VAL A 91 8.93 -15.83 -11.45
N GLN A 92 7.77 -15.73 -12.10
CA GLN A 92 7.11 -14.45 -12.36
C GLN A 92 5.85 -14.32 -11.54
N LEU A 93 5.55 -13.09 -11.13
CA LEU A 93 4.30 -12.79 -10.40
C LEU A 93 3.43 -11.94 -11.33
N ILE A 94 2.27 -12.44 -11.72
CA ILE A 94 1.34 -11.75 -12.60
C ILE A 94 0.25 -11.14 -11.74
N THR A 95 0.15 -9.81 -11.75
CA THR A 95 -0.80 -9.08 -10.92
C THR A 95 -1.56 -8.08 -11.77
N GLN A 96 -2.56 -7.45 -11.15
CA GLN A 96 -3.35 -6.42 -11.83
C GLN A 96 -2.49 -5.21 -12.15
N LEU A 97 -2.62 -4.70 -13.38
CA LEU A 97 -1.86 -3.53 -13.81
C LEU A 97 -2.45 -2.27 -13.20
N MET A 98 -1.63 -1.56 -12.42
CA MET A 98 -2.02 -0.27 -11.85
C MET A 98 -1.41 0.83 -12.70
N PRO A 99 -2.15 1.42 -13.64
CA PRO A 99 -1.51 2.23 -14.67
C PRO A 99 -0.83 3.50 -14.15
N PHE A 100 -1.29 4.05 -13.02
CA PHE A 100 -0.79 5.33 -12.55
C PHE A 100 0.36 5.20 -11.56
N GLY A 101 1.00 4.04 -11.49
CA GLY A 101 2.13 3.88 -10.60
C GLY A 101 1.74 3.91 -9.14
N CYS A 102 2.75 4.15 -8.30
CA CYS A 102 2.57 4.22 -6.85
C CYS A 102 2.12 5.63 -6.44
N LEU A 103 1.45 5.69 -5.30
CA LEU A 103 0.83 6.93 -4.84
C LEU A 103 1.88 7.97 -4.44
N LEU A 104 3.06 7.52 -4.01
CA LEU A 104 4.12 8.45 -3.67
C LEU A 104 4.56 9.25 -4.89
N ASP A 105 4.89 8.55 -5.98
CA ASP A 105 5.25 9.24 -7.22
C ASP A 105 4.09 10.05 -7.77
N TYR A 106 2.86 9.52 -7.65
CA TYR A 106 1.70 10.21 -8.18
C TYR A 106 1.43 11.51 -7.41
N VAL A 107 1.67 11.50 -6.10
CA VAL A 107 1.42 12.71 -5.32
C VAL A 107 2.50 13.75 -5.52
N ARG A 108 3.69 13.34 -5.96
CA ARG A 108 4.77 14.28 -6.23
C ARG A 108 4.63 14.91 -7.61
N GLU A 109 4.21 14.13 -8.59
CA GLU A 109 4.13 14.65 -9.98
C GLU A 109 2.88 15.50 -10.16
N HIS A 110 1.91 15.41 -9.25
CA HIS A 110 0.65 16.13 -9.42
C HIS A 110 0.34 16.99 -8.21
N LYS A 111 1.39 17.56 -7.59
CA LYS A 111 1.21 18.34 -6.36
C LYS A 111 0.13 19.40 -6.51
N ASP A 112 0.09 20.09 -7.66
CA ASP A 112 -0.77 21.24 -7.85
C ASP A 112 -2.06 20.90 -8.59
N ASN A 113 -2.51 19.65 -8.51
CA ASN A 113 -3.80 19.28 -9.06
C ASN A 113 -4.50 18.22 -8.22
N ILE A 114 -4.04 18.02 -6.98
CA ILE A 114 -4.65 17.08 -6.05
C ILE A 114 -5.46 17.88 -5.03
N GLY A 115 -6.76 17.60 -4.96
CA GLY A 115 -7.65 18.31 -4.07
C GLY A 115 -7.92 17.55 -2.77
N SER A 116 -8.59 18.24 -1.85
CA SER A 116 -8.86 17.65 -0.54
C SER A 116 -9.74 16.41 -0.63
N GLN A 117 -10.65 16.35 -1.60
CA GLN A 117 -11.51 15.18 -1.72
C GLN A 117 -10.70 13.95 -2.10
N TYR A 118 -9.73 14.09 -3.01
CA TYR A 118 -8.90 12.96 -3.39
C TYR A 118 -8.01 12.51 -2.24
N LEU A 119 -7.39 13.45 -1.54
CA LEU A 119 -6.51 13.09 -0.43
C LEU A 119 -7.27 12.32 0.64
N LEU A 120 -8.39 12.86 1.10
CA LEU A 120 -9.18 12.20 2.14
C LEU A 120 -9.77 10.88 1.66
N ASN A 121 -10.12 10.79 0.37
CA ASN A 121 -10.59 9.51 -0.17
C ASN A 121 -9.50 8.46 -0.11
N TRP A 122 -8.26 8.85 -0.43
CA TRP A 122 -7.15 7.91 -0.35
C TRP A 122 -6.97 7.39 1.08
N CYS A 123 -7.07 8.29 2.07
CA CYS A 123 -6.95 7.86 3.45
C CYS A 123 -8.02 6.85 3.82
N VAL A 124 -9.24 7.04 3.32
CA VAL A 124 -10.32 6.10 3.61
C VAL A 124 -10.04 4.76 2.97
N GLN A 125 -9.57 4.76 1.71
CA GLN A 125 -9.39 3.50 1.00
C GLN A 125 -8.23 2.70 1.58
N ILE A 126 -7.15 3.36 1.99
CA ILE A 126 -6.03 2.66 2.59
C ILE A 126 -6.42 2.09 3.95
N ALA A 127 -7.20 2.85 4.72
CA ALA A 127 -7.72 2.34 5.98
C ALA A 127 -8.65 1.15 5.76
N LYS A 128 -9.42 1.16 4.68
CA LYS A 128 -10.24 0.01 4.33
C LYS A 128 -9.35 -1.19 3.98
N GLY A 129 -8.29 -0.97 3.21
CA GLY A 129 -7.41 -2.06 2.85
C GLY A 129 -6.73 -2.67 4.07
N MET A 130 -6.24 -1.84 4.97
CA MET A 130 -5.60 -2.36 6.18
C MET A 130 -6.61 -3.00 7.11
N ASN A 131 -7.84 -2.51 7.13
CA ASN A 131 -8.87 -3.14 7.94
C ASN A 131 -9.21 -4.53 7.43
N TYR A 132 -9.13 -4.75 6.12
CA TYR A 132 -9.31 -6.10 5.58
C TYR A 132 -8.14 -6.99 5.98
N LEU A 133 -6.91 -6.49 5.85
CA LEU A 133 -5.75 -7.29 6.24
C LEU A 133 -5.80 -7.69 7.70
N GLU A 134 -6.40 -6.85 8.54
CA GLU A 134 -6.55 -7.22 9.95
C GLU A 134 -7.57 -8.33 10.13
N ASP A 135 -8.65 -8.31 9.32
CA ASP A 135 -9.58 -9.42 9.33
C ASP A 135 -8.90 -10.74 8.98
N ARG A 136 -7.89 -10.69 8.12
CA ARG A 136 -7.19 -11.90 7.70
C ARG A 136 -6.03 -12.26 8.62
N ARG A 137 -5.93 -11.61 9.77
CA ARG A 137 -4.84 -11.82 10.71
C ARG A 137 -3.49 -11.57 10.02
N LEU A 138 -3.39 -10.45 9.32
CA LEU A 138 -2.23 -10.12 8.51
C LEU A 138 -1.64 -8.78 8.95
N VAL A 139 -0.35 -8.77 9.26
CA VAL A 139 0.39 -7.56 9.59
C VAL A 139 1.28 -7.24 8.39
N HIS A 140 1.13 -6.02 7.86
CA HIS A 140 1.84 -5.66 6.63
C HIS A 140 3.31 -5.44 6.89
N ARG A 141 3.65 -4.68 7.93
CA ARG A 141 5.02 -4.41 8.34
C ARG A 141 5.79 -3.51 7.37
N ASP A 142 5.13 -3.01 6.32
CA ASP A 142 5.79 -2.16 5.35
C ASP A 142 4.78 -1.24 4.68
N LEU A 143 3.89 -0.64 5.47
CA LEU A 143 2.91 0.29 4.93
C LEU A 143 3.58 1.64 4.66
N ALA A 144 3.53 2.10 3.42
CA ALA A 144 4.13 3.36 3.03
C ALA A 144 3.46 3.84 1.75
N ALA A 145 3.69 5.11 1.43
CA ALA A 145 3.12 5.68 0.20
C ALA A 145 3.72 5.02 -1.04
N ARG A 146 4.98 4.60 -0.96
CA ARG A 146 5.60 3.91 -2.09
C ARG A 146 4.95 2.56 -2.37
N ASN A 147 4.30 1.96 -1.38
CA ASN A 147 3.72 0.63 -1.52
C ASN A 147 2.21 0.66 -1.68
N VAL A 148 1.65 1.81 -2.06
CA VAL A 148 0.24 1.91 -2.43
C VAL A 148 0.18 2.28 -3.90
N LEU A 149 -0.52 1.48 -4.69
CA LEU A 149 -0.59 1.69 -6.13
C LEU A 149 -1.92 2.34 -6.51
N VAL A 150 -1.98 2.83 -7.75
CA VAL A 150 -3.09 3.63 -8.24
C VAL A 150 -3.57 3.04 -9.57
N LYS A 151 -4.81 2.57 -9.60
CA LYS A 151 -5.40 2.16 -10.88
C LYS A 151 -6.12 3.32 -11.56
N THR A 152 -6.87 4.10 -10.79
CA THR A 152 -7.46 5.35 -11.22
C THR A 152 -7.20 6.36 -10.12
N PRO A 153 -7.20 7.65 -10.43
CA PRO A 153 -7.00 8.67 -9.39
C PRO A 153 -8.02 8.59 -8.25
N GLN A 154 -9.08 7.80 -8.40
CA GLN A 154 -10.10 7.63 -7.37
C GLN A 154 -10.12 6.22 -6.79
N HIS A 155 -9.07 5.44 -7.02
CA HIS A 155 -9.06 4.04 -6.60
C HIS A 155 -7.61 3.60 -6.41
N VAL A 156 -7.22 3.41 -5.14
CA VAL A 156 -5.87 2.96 -4.82
C VAL A 156 -5.96 1.63 -4.07
N LYS A 157 -4.85 0.89 -4.09
CA LYS A 157 -4.76 -0.40 -3.43
C LYS A 157 -3.39 -0.54 -2.77
N ILE A 158 -3.34 -1.38 -1.74
CA ILE A 158 -2.11 -1.68 -1.01
C ILE A 158 -1.45 -2.88 -1.66
N THR A 159 -0.12 -2.89 -1.67
CA THR A 159 0.63 -3.94 -2.36
C THR A 159 1.96 -4.14 -1.64
N ASP A 160 2.85 -4.92 -2.28
CA ASP A 160 4.20 -5.20 -1.80
C ASP A 160 4.16 -5.87 -0.43
N PHE A 161 3.98 -7.18 -0.42
CA PHE A 161 3.84 -7.96 0.81
C PHE A 161 5.09 -8.81 1.08
N GLY A 162 6.27 -8.26 0.78
CA GLY A 162 7.49 -8.97 1.12
C GLY A 162 7.75 -9.07 2.61
N LEU A 163 7.11 -8.21 3.40
CA LEU A 163 7.27 -8.18 4.85
C LEU A 163 6.09 -8.78 5.60
N ALA A 164 4.97 -9.02 4.92
CA ALA A 164 3.72 -9.36 5.60
C ALA A 164 3.81 -10.73 6.28
N LYS A 165 3.20 -10.83 7.45
CA LYS A 165 3.27 -12.08 8.24
C LYS A 165 1.93 -12.41 8.90
N LEU A 166 1.86 -13.57 9.57
CA LEU A 166 0.62 -14.02 10.27
C LEU A 166 -0.52 -14.08 9.26
N VAL A 181 15.54 -2.38 6.35
CA VAL A 181 14.33 -2.20 7.15
C VAL A 181 13.94 -0.71 7.14
N PRO A 182 12.64 -0.43 7.00
CA PRO A 182 12.18 0.98 6.91
C PRO A 182 11.98 1.62 8.29
N ILE A 183 13.08 2.14 8.83
CA ILE A 183 13.06 2.67 10.20
C ILE A 183 12.07 3.82 10.32
N LYS A 184 12.10 4.75 9.37
CA LYS A 184 11.29 5.97 9.45
C LYS A 184 9.78 5.73 9.23
N TRP A 185 9.33 4.47 9.13
CA TRP A 185 7.92 4.14 9.08
C TRP A 185 7.46 3.26 10.23
N MET A 186 8.38 2.71 11.03
CA MET A 186 8.05 1.69 12.01
C MET A 186 7.62 2.31 13.34
N ALA A 187 6.75 1.59 14.04
CA ALA A 187 6.42 1.97 15.41
C ALA A 187 7.66 1.86 16.28
N LEU A 188 7.64 2.48 17.45
CA LEU A 188 8.84 2.45 18.31
C LEU A 188 9.09 1.00 18.74
N GLU A 189 8.02 0.32 19.19
CA GLU A 189 8.15 -1.09 19.64
C GLU A 189 8.75 -1.93 18.51
N SER A 190 8.55 -1.53 17.26
CA SER A 190 9.14 -2.31 16.18
C SER A 190 10.64 -2.03 16.07
N ILE A 191 11.04 -0.76 16.21
CA ILE A 191 12.45 -0.40 16.06
C ILE A 191 13.27 -0.98 17.21
N LEU A 192 12.67 -1.13 18.38
CA LEU A 192 13.39 -1.54 19.58
C LEU A 192 13.30 -3.02 19.88
N HIS A 193 12.11 -3.62 19.77
CA HIS A 193 11.88 -4.99 20.21
C HIS A 193 11.50 -5.94 19.08
N ARG A 194 11.62 -5.52 17.83
CA ARG A 194 11.25 -6.33 16.67
C ARG A 194 9.79 -6.80 16.73
N ILE A 195 8.95 -6.03 17.42
CA ILE A 195 7.55 -6.38 17.63
C ILE A 195 6.70 -5.69 16.57
N TYR A 196 5.98 -6.49 15.78
CA TYR A 196 5.13 -5.98 14.71
C TYR A 196 3.70 -6.46 14.97
N THR A 197 2.81 -5.54 15.28
CA THR A 197 1.41 -5.83 15.58
C THR A 197 0.53 -5.09 14.58
N HIS A 198 -0.76 -5.44 14.58
CA HIS A 198 -1.73 -4.68 13.79
C HIS A 198 -1.72 -3.21 14.17
N GLN A 199 -1.38 -2.89 15.42
CA GLN A 199 -1.28 -1.50 15.86
C GLN A 199 0.01 -0.84 15.38
N SER A 200 1.08 -1.60 15.19
CA SER A 200 2.27 -1.03 14.59
C SER A 200 2.06 -0.69 13.12
N ASP A 201 1.09 -1.33 12.47
CA ASP A 201 0.67 -0.91 11.14
C ASP A 201 -0.06 0.42 11.18
N VAL A 202 -0.79 0.68 12.27
CA VAL A 202 -1.45 1.98 12.42
C VAL A 202 -0.42 3.09 12.47
N TRP A 203 0.71 2.84 13.12
CA TRP A 203 1.81 3.81 13.12
C TRP A 203 2.29 4.09 11.69
N SER A 204 2.59 3.04 10.94
CA SER A 204 3.02 3.22 9.55
C SER A 204 1.94 3.91 8.73
N TYR A 205 0.68 3.67 9.07
CA TYR A 205 -0.42 4.36 8.39
C TYR A 205 -0.35 5.86 8.61
N GLY A 206 -0.10 6.28 9.86
CA GLY A 206 0.02 7.70 10.14
C GLY A 206 1.16 8.36 9.40
N VAL A 207 2.28 7.65 9.26
CA VAL A 207 3.40 8.19 8.48
C VAL A 207 3.01 8.25 7.00
N THR A 208 2.25 7.25 6.53
CA THR A 208 1.80 7.25 5.15
C THR A 208 0.90 8.44 4.84
N VAL A 209 -0.06 8.70 5.73
CA VAL A 209 -0.93 9.86 5.55
C VAL A 209 -0.11 11.14 5.58
N TRP A 210 0.94 11.18 6.41
CA TRP A 210 1.83 12.33 6.44
C TRP A 210 2.49 12.54 5.09
N GLU A 211 2.90 11.45 4.44
CA GLU A 211 3.48 11.56 3.10
C GLU A 211 2.50 12.20 2.13
N LEU A 212 1.23 11.79 2.18
CA LEU A 212 0.24 12.32 1.25
C LEU A 212 -0.07 13.78 1.55
N MET A 213 -0.24 14.12 2.84
CA MET A 213 -0.58 15.48 3.19
C MET A 213 0.58 16.46 2.95
N THR A 214 1.80 15.96 2.82
CA THR A 214 2.94 16.79 2.46
C THR A 214 3.31 16.65 0.98
N PHE A 215 2.44 16.01 0.19
CA PHE A 215 2.64 15.83 -1.25
C PHE A 215 3.96 15.12 -1.57
N GLY A 216 4.37 14.18 -0.72
CA GLY A 216 5.53 13.37 -1.00
C GLY A 216 6.80 13.74 -0.27
N SER A 217 6.72 14.46 0.84
CA SER A 217 7.92 14.82 1.58
C SER A 217 8.50 13.60 2.28
N LYS A 218 9.82 13.53 2.34
CA LYS A 218 10.48 12.41 2.99
C LYS A 218 10.35 12.55 4.50
N PRO A 219 9.81 11.57 5.21
CA PRO A 219 9.67 11.69 6.66
C PRO A 219 11.02 11.70 7.35
N TYR A 220 11.17 12.60 8.32
CA TYR A 220 12.43 12.79 9.03
C TYR A 220 13.58 13.02 8.04
N ASP A 221 13.34 13.86 7.04
CA ASP A 221 14.40 14.12 6.01
C ASP A 221 15.63 14.69 6.72
N GLY A 222 16.79 14.10 6.43
CA GLY A 222 18.02 14.53 7.12
C GLY A 222 18.29 13.64 8.30
N ILE A 223 17.45 13.71 9.32
CA ILE A 223 17.65 12.89 10.55
C ILE A 223 18.08 11.48 10.11
N PRO A 224 19.31 11.03 10.45
CA PRO A 224 19.71 9.67 10.14
C PRO A 224 18.93 8.64 10.95
N ALA A 225 18.81 7.44 10.39
CA ALA A 225 18.03 6.39 11.04
C ALA A 225 18.63 5.99 12.38
N SER A 226 19.89 6.32 12.64
CA SER A 226 20.51 5.98 13.91
C SER A 226 19.86 6.72 15.07
N GLU A 227 19.29 7.89 14.82
CA GLU A 227 18.72 8.72 15.87
C GLU A 227 17.20 8.74 15.88
N ILE A 228 16.55 7.93 15.03
CA ILE A 228 15.09 7.96 14.95
C ILE A 228 14.46 7.51 16.25
N SER A 229 14.84 6.32 16.73
CA SER A 229 14.26 5.81 17.98
C SER A 229 14.63 6.68 19.18
N SER A 230 15.67 7.50 19.07
CA SER A 230 16.03 8.39 20.18
C SER A 230 15.13 9.61 20.22
N ILE A 231 14.86 10.23 19.07
CA ILE A 231 13.99 11.40 19.05
C ILE A 231 12.55 11.00 19.31
N LEU A 232 12.15 9.79 18.89
CA LEU A 232 10.81 9.32 19.21
C LEU A 232 10.65 9.08 20.70
N GLU A 233 11.72 8.67 21.38
CA GLU A 233 11.67 8.52 22.83
C GLU A 233 11.67 9.86 23.53
N LYS A 234 12.26 10.89 22.92
CA LYS A 234 12.18 12.24 23.46
C LYS A 234 10.77 12.82 23.33
N GLY A 235 9.90 12.19 22.53
CA GLY A 235 8.55 12.66 22.35
C GLY A 235 8.29 13.33 21.02
N GLU A 236 9.33 13.58 20.23
CA GLU A 236 9.16 14.30 18.98
C GLU A 236 8.47 13.42 17.93
N ARG A 237 7.60 14.04 17.15
CA ARG A 237 6.94 13.40 16.02
C ARG A 237 7.14 14.26 14.77
N LEU A 238 6.55 13.83 13.67
CA LEU A 238 6.61 14.61 12.44
C LEU A 238 5.78 15.89 12.60
N PRO A 239 6.19 16.97 11.96
CA PRO A 239 5.48 18.24 12.11
C PRO A 239 4.12 18.20 11.43
N GLN A 240 3.32 19.21 11.73
CA GLN A 240 1.98 19.31 11.16
C GLN A 240 2.06 19.80 9.72
N PRO A 241 1.60 19.02 8.74
CA PRO A 241 1.63 19.47 7.35
C PRO A 241 0.81 20.72 7.16
N PRO A 242 1.24 21.63 6.28
CA PRO A 242 0.58 22.94 6.20
C PRO A 242 -0.89 22.89 5.84
N ILE A 243 -1.29 21.99 4.93
CA ILE A 243 -2.68 21.93 4.50
C ILE A 243 -3.60 21.32 5.55
N CYS A 244 -3.05 20.73 6.60
CA CYS A 244 -3.83 19.96 7.56
C CYS A 244 -4.41 20.87 8.63
N THR A 245 -5.73 20.85 8.75
CA THR A 245 -6.35 21.36 9.97
C THR A 245 -5.90 20.50 11.15
N ILE A 246 -6.12 21.02 12.36
CA ILE A 246 -5.73 20.27 13.54
C ILE A 246 -6.54 18.98 13.66
N ASP A 247 -7.72 18.92 13.03
CA ASP A 247 -8.50 17.69 13.07
C ASP A 247 -7.77 16.54 12.38
N VAL A 248 -7.24 16.79 11.18
CA VAL A 248 -6.53 15.73 10.46
C VAL A 248 -5.22 15.40 11.17
N TYR A 249 -4.48 16.43 11.61
CA TYR A 249 -3.18 16.19 12.22
C TYR A 249 -3.31 15.49 13.57
N MET A 250 -4.39 15.79 14.32
CA MET A 250 -4.64 15.08 15.57
C MET A 250 -4.72 13.58 15.34
N ILE A 251 -5.40 13.16 14.27
CA ILE A 251 -5.54 11.75 13.96
C ILE A 251 -4.17 11.14 13.69
N MET A 252 -3.35 11.83 12.89
CA MET A 252 -2.02 11.34 12.59
C MET A 252 -1.18 11.21 13.85
N VAL A 253 -1.27 12.20 14.75
CA VAL A 253 -0.54 12.16 16.00
C VAL A 253 -1.00 10.98 16.85
N LYS A 254 -2.31 10.67 16.82
CA LYS A 254 -2.81 9.55 17.59
C LYS A 254 -2.23 8.22 17.12
N CYS A 255 -1.89 8.11 15.83
CA CYS A 255 -1.26 6.88 15.36
C CYS A 255 0.16 6.71 15.86
N TRP A 256 0.71 7.70 16.56
CA TRP A 256 2.12 7.69 16.95
C TRP A 256 2.31 7.68 18.46
N MET A 257 1.29 7.31 19.22
CA MET A 257 1.43 7.22 20.66
C MET A 257 2.22 5.98 21.06
N ILE A 258 2.93 6.04 22.17
CA ILE A 258 3.79 4.88 22.55
C ILE A 258 2.89 3.70 22.93
N ASP A 259 1.80 3.96 23.66
CA ASP A 259 0.84 2.87 23.96
C ASP A 259 0.11 2.52 22.67
N ALA A 260 0.41 1.36 22.10
CA ALA A 260 -0.21 0.93 20.83
C ALA A 260 -1.73 0.82 20.95
N ASP A 261 -2.18 0.51 22.16
CA ASP A 261 -3.64 0.34 22.38
C ASP A 261 -4.29 1.72 22.39
N SER A 262 -3.54 2.78 22.70
CA SER A 262 -4.13 4.10 22.58
C SER A 262 -4.27 4.53 21.13
N ARG A 263 -3.47 3.97 20.23
CA ARG A 263 -3.54 4.33 18.82
C ARG A 263 -4.92 3.97 18.26
N PRO A 264 -5.40 4.70 17.25
CA PRO A 264 -6.72 4.42 16.70
C PRO A 264 -6.75 3.09 15.95
N LYS A 265 -7.96 2.60 15.73
CA LYS A 265 -8.17 1.39 14.98
C LYS A 265 -8.41 1.72 13.51
N PHE A 266 -8.07 0.79 12.63
CA PHE A 266 -8.33 1.00 11.21
C PHE A 266 -9.83 1.17 10.94
N ARG A 267 -10.66 0.41 11.65
CA ARG A 267 -12.11 0.59 11.51
C ARG A 267 -12.55 1.97 11.97
N GLU A 268 -11.80 2.58 12.88
CA GLU A 268 -12.12 3.94 13.32
C GLU A 268 -11.56 4.99 12.37
N LEU A 269 -10.38 4.72 11.81
CA LEU A 269 -9.81 5.63 10.83
C LEU A 269 -10.68 5.71 9.58
N ILE A 270 -11.30 4.60 9.19
CA ILE A 270 -12.28 4.63 8.11
C ILE A 270 -13.40 5.61 8.45
N ILE A 271 -13.95 5.49 9.66
CA ILE A 271 -15.09 6.32 10.05
C ILE A 271 -14.69 7.79 10.09
N GLU A 272 -13.55 8.10 10.71
CA GLU A 272 -13.17 9.49 10.91
C GLU A 272 -12.85 10.17 9.58
N PHE A 273 -11.98 9.56 8.77
CA PHE A 273 -11.65 10.16 7.49
C PHE A 273 -12.85 10.20 6.55
N SER A 274 -13.80 9.27 6.70
CA SER A 274 -14.99 9.31 5.88
C SER A 274 -15.89 10.49 6.27
N LYS A 275 -16.01 10.75 7.57
CA LYS A 275 -16.76 11.94 8.01
C LYS A 275 -16.15 13.21 7.45
N MET A 276 -14.82 13.25 7.33
CA MET A 276 -14.15 14.43 6.80
C MET A 276 -14.21 14.49 5.28
N ALA A 277 -14.32 13.33 4.61
CA ALA A 277 -14.48 13.32 3.17
C ALA A 277 -15.84 13.85 2.74
N ARG A 278 -16.82 13.87 3.65
CA ARG A 278 -18.12 14.46 3.34
C ARG A 278 -18.04 15.97 3.17
N ASP A 279 -17.04 16.62 3.78
CA ASP A 279 -16.82 18.05 3.63
C ASP A 279 -15.32 18.29 3.62
N PRO A 280 -14.65 17.93 2.52
CA PRO A 280 -13.17 17.89 2.54
C PRO A 280 -12.53 19.26 2.72
N GLN A 281 -13.14 20.34 2.21
CA GLN A 281 -12.54 21.65 2.35
C GLN A 281 -12.61 22.20 3.77
N ARG A 282 -13.35 21.53 4.67
CA ARG A 282 -13.37 21.92 6.07
C ARG A 282 -12.16 21.40 6.84
N TYR A 283 -11.45 20.40 6.30
CA TYR A 283 -10.36 19.77 7.02
C TYR A 283 -9.03 19.80 6.28
N LEU A 284 -9.01 20.17 5.00
CA LEU A 284 -7.77 20.33 4.26
C LEU A 284 -7.83 21.63 3.48
N VAL A 285 -6.96 22.58 3.83
CA VAL A 285 -6.93 23.90 3.23
C VAL A 285 -5.91 23.86 2.10
N ILE A 286 -6.40 23.71 0.88
CA ILE A 286 -5.49 23.63 -0.29
C ILE A 286 -5.84 24.77 -1.25
N GLN A 287 -4.82 25.37 -1.86
CA GLN A 287 -5.03 26.47 -2.81
C GLN A 287 -5.52 25.91 -4.14
N GLY A 288 -6.81 26.05 -4.43
CA GLY A 288 -7.33 25.60 -5.73
C GLY A 288 -8.47 24.62 -5.60
N ASP A 289 -9.13 24.54 -4.45
CA ASP A 289 -10.30 23.66 -4.38
C ASP A 289 -11.52 24.36 -4.96
N MET A 312 -6.29 -2.99 -28.97
CA MET A 312 -7.04 -3.82 -28.02
C MET A 312 -8.54 -3.73 -28.29
N ASP A 313 -9.27 -4.76 -27.86
CA ASP A 313 -10.72 -4.82 -28.07
C ASP A 313 -11.42 -5.48 -26.90
N ASP A 314 -11.17 -6.77 -26.70
CA ASP A 314 -11.82 -7.54 -25.64
C ASP A 314 -11.16 -7.34 -24.27
N VAL A 315 -10.75 -6.12 -23.96
CA VAL A 315 -10.05 -5.84 -22.71
C VAL A 315 -11.04 -5.77 -21.56
N VAL A 316 -10.76 -6.51 -20.49
CA VAL A 316 -11.47 -6.38 -19.23
C VAL A 316 -10.45 -6.04 -18.15
N ASP A 317 -10.91 -5.33 -17.13
CA ASP A 317 -10.06 -5.05 -15.99
C ASP A 317 -9.99 -6.28 -15.09
N ALA A 318 -8.87 -6.42 -14.39
CA ALA A 318 -8.69 -7.58 -13.53
C ALA A 318 -9.79 -7.67 -12.47
N ASP A 319 -10.34 -6.52 -12.04
CA ASP A 319 -11.38 -6.53 -11.03
C ASP A 319 -12.72 -7.02 -11.56
N GLU A 320 -12.90 -7.11 -12.87
CA GLU A 320 -14.09 -7.73 -13.45
C GLU A 320 -13.85 -9.13 -13.94
N TYR A 321 -12.68 -9.69 -13.66
CA TYR A 321 -12.35 -11.09 -13.97
C TYR A 321 -12.30 -11.84 -12.65
N LEU A 322 -13.35 -12.61 -12.37
CA LEU A 322 -13.48 -13.30 -11.09
C LEU A 322 -13.48 -14.80 -11.27
C13 A1CEA B . 3.86 -5.92 -6.13
C15 A1CEA B . 3.69 -7.04 -8.26
C17 A1CEA B . 3.80 -5.77 -8.95
C20 A1CEA B . 0.94 -3.09 -10.93
C22 A1CEA B . 4.51 -1.00 -10.47
C24 A1CEA B . 2.79 2.24 -13.75
C26 A1CEA B . 3.21 4.76 -14.19
C28 A1CEA B . 4.72 5.83 -15.38
C02 A1CEA B . 7.37 0.26 -10.82
C04 A1CEA B . 4.76 0.17 -11.26
C05 A1CEA B . 3.74 0.62 -12.20
C06 A1CEA B . 2.56 -0.09 -12.34
C07 A1CEA B . 2.32 -1.31 -11.52
C08 A1CEA B . 3.30 -1.74 -10.61
C09 A1CEA B . 3.04 -2.86 -9.88
C11 A1CEA B . 3.93 -4.64 -8.23
C12 A1CEA B . 3.97 -4.69 -6.80
C14 A1CEA B . 3.72 -7.08 -6.87
C25 A1CEA B . 3.28 3.28 -14.76
C29 A1CEA B . 4.05 7.16 -15.63
C31 A1CEA B . 3.85 7.49 -13.37
C32 A1CEA B . 4.51 6.15 -13.11
C33 A1CEA B . 8.64 1.14 -10.67
C34 A1CEA B . 9.81 0.58 -10.44
F18 A1CEA B . 3.62 -8.29 -6.21
N03 A1CEA B . 6.04 0.93 -11.10
N10 A1CEA B . 4.05 -3.33 -8.91
N19 A1CEA B . 1.87 -3.53 -10.04
N21 A1CEA B . 1.17 -1.99 -11.67
N27 A1CEA B . 4.39 5.28 -14.16
O01 A1CEA B . 7.46 -0.93 -10.72
O23 A1CEA B . 3.97 1.77 -12.98
O30 A1CEA B . 4.23 8.03 -14.57
CL16 A1CEA B . 3.51 -8.63 -9.23
#